data_6TBO
#
_entry.id   6TBO
#
_cell.length_a   62.740
_cell.length_b   89.460
_cell.length_c   61.150
_cell.angle_alpha   90.000
_cell.angle_beta   97.450
_cell.angle_gamma   90.000
#
_symmetry.space_group_name_H-M   'C 1 2 1'
#
loop_
_entity.id
_entity.type
_entity.pdbx_description
1 polymer 'Genome polyprotein'
2 polymer 'Genome polyprotein'
3 non-polymer 'DIMETHYL SULFOXIDE'
4 non-polymer ~{N}-(4-hydroxyphenyl)-3-phenyl-propanamide
5 non-polymer 'PHOSPHATE ION'
6 water water
#
loop_
_entity_poly.entity_id
_entity_poly.type
_entity_poly.pdbx_seq_one_letter_code
_entity_poly.pdbx_strand_id
1 'polypeptide(L)'
;APPTLWSRVTKFGSGWGFWVSPTVFITTTHVIPTSAKEFFGEPLTSIAIHRAGEFTLFRFSKKIRPDLTGMILEEGCPEG
TVCSVLIKRDSGELLPLAVRMGAIASMRIQGRLVHGQSGMLLTGANAKGMDLGTIPGDCGAPYVYKRANDWVVCGVHAAA
TKSGNTVVCAVQ
;
A
2 'polypeptide(L)'
;PPTLWSRVTKFGSGWGFWVSPTVFITTTHVIPTSAKEFFGEPLTSIAIHRAGEFTLFRFSKKIRPDLTGMILEEGCPEGT
VCSVLIKRDSGELLPLAVRMGAIASMRIQGRLVHGQSGMLLTGANAKGMDLGTIPGDCGAPYVYKRANDWVVCGVHAAAT
KSGNTVVCAVQA
;
B
#
# COMPACT_ATOMS: atom_id res chain seq x y z
N ALA A 1 4.12 -3.08 -8.75
CA ALA A 1 3.33 -3.48 -9.97
C ALA A 1 3.99 -2.88 -11.21
N PRO A 2 3.93 -3.50 -12.39
CA PRO A 2 4.63 -2.99 -13.58
C PRO A 2 4.18 -1.59 -13.97
N PRO A 3 5.12 -0.68 -14.32
CA PRO A 3 4.81 0.60 -14.95
C PRO A 3 3.71 0.55 -16.03
N THR A 4 3.57 -0.53 -16.79
CA THR A 4 2.59 -0.60 -17.91
C THR A 4 1.16 -0.63 -17.34
N LEU A 5 0.92 -1.22 -16.17
CA LEU A 5 -0.45 -1.27 -15.58
C LEU A 5 -0.78 0.10 -14.95
N TRP A 6 0.20 0.80 -14.39
CA TRP A 6 -0.03 2.13 -13.75
C TRP A 6 -0.39 3.15 -14.82
N SER A 7 0.13 2.98 -16.05
CA SER A 7 -0.09 3.85 -17.23
CA SER A 7 -0.10 3.89 -17.21
C SER A 7 -1.54 3.73 -17.73
N ARG A 8 -2.21 2.62 -17.42
CA ARG A 8 -3.62 2.34 -17.81
C ARG A 8 -4.58 3.00 -16.82
N VAL A 9 -4.12 3.37 -15.62
CA VAL A 9 -5.03 3.95 -14.56
C VAL A 9 -5.17 5.44 -14.86
N THR A 10 -6.39 5.87 -15.19
CA THR A 10 -6.71 7.21 -15.74
C THR A 10 -7.75 7.87 -14.83
N LYS A 11 -7.48 9.11 -14.39
CA LYS A 11 -8.44 9.92 -13.58
C LYS A 11 -9.73 10.11 -14.38
N PHE A 12 -10.90 9.86 -13.77
CA PHE A 12 -12.20 9.77 -14.50
C PHE A 12 -13.36 10.12 -13.56
N GLY A 13 -14.14 11.13 -13.95
CA GLY A 13 -15.27 11.65 -13.15
C GLY A 13 -14.88 11.91 -11.71
N SER A 14 -15.66 11.42 -10.75
CA SER A 14 -15.29 11.39 -9.31
C SER A 14 -14.37 10.21 -8.89
N GLY A 15 -13.87 9.36 -9.79
CA GLY A 15 -12.94 8.27 -9.43
C GLY A 15 -11.90 7.99 -10.50
N TRP A 16 -11.88 6.75 -11.05
CA TRP A 16 -10.83 6.27 -12.01
C TRP A 16 -11.39 5.31 -13.06
N GLY A 17 -10.64 5.07 -14.13
CA GLY A 17 -10.92 3.96 -15.06
C GLY A 17 -9.63 3.33 -15.55
N PHE A 18 -9.73 2.24 -16.31
CA PHE A 18 -8.62 1.35 -16.69
C PHE A 18 -8.71 0.98 -18.18
N TRP A 19 -7.62 1.21 -18.90
CA TRP A 19 -7.47 0.80 -20.31
C TRP A 19 -7.04 -0.68 -20.38
N VAL A 20 -7.96 -1.55 -20.79
CA VAL A 20 -7.70 -2.99 -21.05
C VAL A 20 -6.93 -3.14 -22.36
N SER A 21 -7.22 -2.28 -23.33
CA SER A 21 -6.62 -2.28 -24.69
C SER A 21 -6.61 -0.85 -25.26
N PRO A 22 -6.12 -0.65 -26.50
CA PRO A 22 -6.30 0.63 -27.20
C PRO A 22 -7.76 1.10 -27.32
N THR A 23 -8.72 0.19 -27.35
CA THR A 23 -10.15 0.55 -27.59
C THR A 23 -11.09 0.22 -26.44
N VAL A 24 -10.64 -0.39 -25.33
CA VAL A 24 -11.55 -0.92 -24.26
C VAL A 24 -11.18 -0.26 -22.93
N PHE A 25 -12.14 0.43 -22.33
CA PHE A 25 -11.95 1.23 -21.08
C PHE A 25 -13.04 0.76 -20.12
N ILE A 26 -12.64 0.38 -18.91
CA ILE A 26 -13.62 -0.11 -17.91
C ILE A 26 -13.62 0.87 -16.73
N THR A 27 -14.79 1.07 -16.11
CA THR A 27 -14.87 1.89 -14.87
C THR A 27 -15.98 1.41 -13.96
N THR A 28 -16.14 2.11 -12.82
CA THR A 28 -17.24 1.88 -11.85
C THR A 28 -18.40 2.79 -12.25
N THR A 29 -19.61 2.24 -12.41
CA THR A 29 -20.79 2.92 -12.99
C THR A 29 -21.03 4.27 -12.30
N HIS A 30 -21.13 4.34 -10.96
CA HIS A 30 -21.47 5.59 -10.19
C HIS A 30 -20.41 6.70 -10.29
N VAL A 31 -19.20 6.46 -10.83
CA VAL A 31 -18.19 7.56 -10.98
C VAL A 31 -18.40 8.29 -12.32
N ILE A 32 -19.16 7.72 -13.27
CA ILE A 32 -19.41 8.34 -14.60
C ILE A 32 -20.26 9.59 -14.39
N PRO A 33 -19.86 10.78 -14.90
CA PRO A 33 -20.72 11.96 -14.88
C PRO A 33 -21.99 11.71 -15.72
N THR A 34 -23.17 11.92 -15.13
CA THR A 34 -24.49 11.49 -15.68
C THR A 34 -24.84 12.28 -16.95
N SER A 35 -24.32 13.51 -17.13
CA SER A 35 -24.62 14.41 -18.27
C SER A 35 -23.61 14.25 -19.42
N ALA A 36 -22.48 13.54 -19.23
CA ALA A 36 -21.37 13.42 -20.22
C ALA A 36 -21.89 12.84 -21.54
N LYS A 37 -21.50 13.47 -22.66
CA LYS A 37 -21.92 13.13 -24.05
C LYS A 37 -20.70 12.88 -24.93
N GLU A 38 -19.50 13.09 -24.40
CA GLU A 38 -18.23 12.94 -25.15
C GLU A 38 -17.14 12.37 -24.21
N PHE A 39 -16.39 11.38 -24.70
CA PHE A 39 -15.26 10.73 -23.97
C PHE A 39 -14.05 10.62 -24.92
N PHE A 40 -12.93 11.21 -24.51
CA PHE A 40 -11.62 11.19 -25.25
C PHE A 40 -11.87 11.63 -26.71
N GLY A 41 -12.57 12.74 -26.92
CA GLY A 41 -12.74 13.33 -28.26
C GLY A 41 -13.78 12.60 -29.10
N GLU A 42 -14.53 11.67 -28.56
CA GLU A 42 -15.47 10.86 -29.38
C GLU A 42 -16.89 11.05 -28.86
N PRO A 43 -17.89 11.19 -29.76
CA PRO A 43 -19.28 11.31 -29.33
C PRO A 43 -19.86 9.98 -28.80
N LEU A 44 -20.87 10.06 -27.94
CA LEU A 44 -21.64 8.88 -27.42
C LEU A 44 -21.99 7.91 -28.55
N THR A 45 -22.46 8.43 -29.68
CA THR A 45 -22.99 7.60 -30.82
C THR A 45 -21.90 6.66 -31.34
N SER A 46 -20.61 7.03 -31.28
CA SER A 46 -19.47 6.23 -31.82
C SER A 46 -18.87 5.27 -30.77
N ILE A 47 -19.53 5.05 -29.62
CA ILE A 47 -18.98 4.23 -28.49
C ILE A 47 -20.00 3.17 -28.08
N ALA A 48 -19.55 1.91 -27.97
CA ALA A 48 -20.27 0.75 -27.41
C ALA A 48 -20.12 0.70 -25.87
N ILE A 49 -21.24 0.76 -25.15
CA ILE A 49 -21.32 0.83 -23.66
C ILE A 49 -22.12 -0.37 -23.14
N HIS A 50 -21.45 -1.35 -22.51
CA HIS A 50 -22.04 -2.50 -21.78
C HIS A 50 -21.98 -2.25 -20.27
N ARG A 51 -23.14 -2.20 -19.63
CA ARG A 51 -23.32 -1.89 -18.19
C ARG A 51 -23.96 -3.10 -17.50
N ALA A 52 -23.39 -3.54 -16.39
CA ALA A 52 -23.96 -4.56 -15.48
C ALA A 52 -23.82 -4.06 -14.04
N GLY A 53 -24.88 -3.44 -13.51
CA GLY A 53 -24.83 -2.76 -12.20
C GLY A 53 -23.66 -1.81 -12.12
N GLU A 54 -22.71 -2.07 -11.21
CA GLU A 54 -21.63 -1.11 -10.85
C GLU A 54 -20.39 -1.26 -11.76
N PHE A 55 -20.43 -2.14 -12.75
CA PHE A 55 -19.35 -2.36 -13.75
C PHE A 55 -19.76 -1.75 -15.10
N THR A 56 -18.98 -0.83 -15.65
CA THR A 56 -19.22 -0.36 -17.05
C THR A 56 -17.98 -0.50 -17.94
N LEU A 57 -18.20 -1.02 -19.15
CA LEU A 57 -17.19 -1.22 -20.23
C LEU A 57 -17.54 -0.30 -21.42
N PHE A 58 -16.58 0.50 -21.87
CA PHE A 58 -16.68 1.35 -23.09
C PHE A 58 -15.75 0.76 -24.15
N ARG A 59 -16.26 0.54 -25.35
CA ARG A 59 -15.45 0.10 -26.53
C ARG A 59 -15.62 1.15 -27.64
N PHE A 60 -14.53 1.78 -28.05
CA PHE A 60 -14.47 2.87 -29.06
C PHE A 60 -14.27 2.26 -30.47
N SER A 61 -14.55 3.07 -31.50
N SER A 61 -14.53 3.05 -31.51
CA SER A 61 -14.42 2.72 -32.94
CA SER A 61 -14.41 2.67 -32.93
C SER A 61 -12.97 2.88 -33.41
C SER A 61 -12.99 2.94 -33.45
N LYS A 62 -12.13 3.59 -32.64
CA LYS A 62 -10.70 3.80 -32.98
C LYS A 62 -9.83 3.77 -31.71
N LYS A 63 -8.53 3.58 -31.92
CA LYS A 63 -7.48 3.38 -30.90
C LYS A 63 -7.21 4.68 -30.14
N ILE A 64 -7.81 4.83 -28.96
CA ILE A 64 -7.54 5.96 -28.02
C ILE A 64 -6.11 5.81 -27.47
N ARG A 65 -5.67 4.59 -27.14
CA ARG A 65 -4.39 4.35 -26.41
C ARG A 65 -3.53 3.39 -27.21
N PRO A 66 -3.03 3.78 -28.42
CA PRO A 66 -2.24 2.88 -29.27
C PRO A 66 -0.89 2.53 -28.63
N ASP A 67 -0.52 3.24 -27.55
CA ASP A 67 0.72 2.88 -26.83
C ASP A 67 0.51 1.52 -26.16
N LEU A 68 -0.76 1.07 -26.03
CA LEU A 68 -1.11 -0.13 -25.21
C LEU A 68 -1.34 -1.39 -26.07
N THR A 69 -0.99 -2.54 -25.49
CA THR A 69 -1.37 -3.92 -25.89
C THR A 69 -2.63 -4.32 -25.13
N GLY A 70 -3.53 -5.07 -25.79
CA GLY A 70 -4.68 -5.77 -25.16
C GLY A 70 -4.21 -6.71 -24.07
N MET A 71 -4.82 -6.70 -22.88
CA MET A 71 -4.48 -7.66 -21.78
C MET A 71 -5.75 -8.44 -21.42
N ILE A 72 -5.66 -9.42 -20.53
CA ILE A 72 -6.80 -10.32 -20.16
C ILE A 72 -7.68 -9.66 -19.09
N LEU A 73 -8.99 -9.54 -19.36
CA LEU A 73 -10.05 -9.18 -18.38
C LEU A 73 -10.95 -10.40 -18.12
N GLU A 74 -11.09 -10.78 -16.86
CA GLU A 74 -11.91 -11.96 -16.46
C GLU A 74 -13.00 -11.52 -15.49
N GLU A 75 -14.04 -12.37 -15.35
CA GLU A 75 -15.20 -12.11 -14.44
C GLU A 75 -14.79 -12.49 -13.02
N GLY A 76 -14.10 -11.59 -12.32
CA GLY A 76 -13.53 -11.92 -11.01
C GLY A 76 -12.43 -12.97 -11.14
N CYS A 77 -12.01 -13.52 -9.99
CA CYS A 77 -10.90 -14.47 -9.82
C CYS A 77 -11.31 -15.60 -8.88
N PRO A 78 -10.55 -16.73 -8.86
CA PRO A 78 -10.81 -17.78 -7.87
C PRO A 78 -10.82 -17.26 -6.43
N GLU A 79 -11.62 -17.92 -5.60
CA GLU A 79 -11.73 -17.61 -4.16
C GLU A 79 -10.34 -17.82 -3.58
N GLY A 80 -9.83 -16.85 -2.83
CA GLY A 80 -8.49 -16.92 -2.19
C GLY A 80 -7.35 -16.39 -3.03
N THR A 81 -7.56 -15.94 -4.26
CA THR A 81 -6.54 -15.14 -4.97
C THR A 81 -6.27 -13.87 -4.18
N VAL A 82 -4.99 -13.48 -4.10
CA VAL A 82 -4.51 -12.17 -3.57
C VAL A 82 -4.28 -11.25 -4.77
N CYS A 83 -4.98 -10.12 -4.76
CA CYS A 83 -4.93 -9.06 -5.79
C CYS A 83 -4.32 -7.81 -5.19
N SER A 84 -3.83 -6.95 -6.07
CA SER A 84 -3.52 -5.53 -5.78
C SER A 84 -4.63 -4.64 -6.37
N VAL A 85 -5.14 -3.68 -5.60
CA VAL A 85 -5.97 -2.55 -6.13
C VAL A 85 -4.99 -1.41 -6.42
N LEU A 86 -4.85 -1.02 -7.70
CA LEU A 86 -3.88 0.02 -8.17
C LEU A 86 -4.47 1.41 -7.92
N ILE A 87 -4.16 1.99 -6.76
CA ILE A 87 -4.72 3.27 -6.26
C ILE A 87 -3.67 4.38 -6.42
N LYS A 88 -4.06 5.45 -7.11
CA LYS A 88 -3.27 6.71 -7.19
C LYS A 88 -3.76 7.69 -6.10
N ARG A 89 -2.81 8.20 -5.28
CA ARG A 89 -3.06 9.18 -4.19
C ARG A 89 -2.15 10.41 -4.35
N ASP A 90 -2.44 11.44 -3.55
CA ASP A 90 -1.97 12.84 -3.74
C ASP A 90 -0.45 12.91 -3.69
N SER A 91 0.14 13.19 -4.86
CA SER A 91 1.53 13.66 -5.10
C SER A 91 2.35 12.65 -5.91
N GLY A 92 1.73 11.90 -6.84
CA GLY A 92 2.38 10.84 -7.62
C GLY A 92 2.76 9.64 -6.76
N GLU A 93 2.15 9.53 -5.58
CA GLU A 93 2.20 8.31 -4.74
C GLU A 93 1.25 7.26 -5.31
N LEU A 94 1.75 6.02 -5.44
CA LEU A 94 1.05 4.83 -5.98
C LEU A 94 0.87 3.82 -4.84
N LEU A 95 -0.38 3.43 -4.58
CA LEU A 95 -0.78 2.61 -3.41
C LEU A 95 -1.36 1.30 -3.91
N PRO A 96 -0.52 0.27 -4.18
CA PRO A 96 -1.03 -1.06 -4.51
C PRO A 96 -1.51 -1.86 -3.27
N LEU A 97 -2.79 -1.72 -2.91
CA LEU A 97 -3.39 -2.29 -1.67
C LEU A 97 -3.62 -3.80 -1.87
N ALA A 98 -2.95 -4.62 -1.05
CA ALA A 98 -3.09 -6.10 -1.05
C ALA A 98 -4.47 -6.52 -0.51
N VAL A 99 -5.19 -7.36 -1.25
CA VAL A 99 -6.53 -7.80 -0.80
C VAL A 99 -6.65 -9.31 -1.06
N ARG A 100 -7.26 -10.04 -0.12
CA ARG A 100 -7.58 -11.48 -0.27
C ARG A 100 -9.02 -11.61 -0.74
N MET A 101 -9.23 -12.22 -1.91
CA MET A 101 -10.57 -12.25 -2.56
C MET A 101 -11.37 -13.43 -2.00
N GLY A 102 -12.65 -13.21 -1.72
CA GLY A 102 -13.66 -14.24 -1.38
C GLY A 102 -14.75 -14.37 -2.43
N ALA A 103 -15.99 -14.59 -1.98
CA ALA A 103 -17.14 -15.03 -2.82
C ALA A 103 -17.98 -13.84 -3.31
N ILE A 104 -18.79 -14.07 -4.37
CA ILE A 104 -19.77 -13.10 -4.93
C ILE A 104 -20.82 -12.83 -3.84
N ALA A 105 -21.04 -11.57 -3.47
CA ALA A 105 -21.95 -11.18 -2.38
C ALA A 105 -22.89 -10.03 -2.80
N SER A 106 -24.06 -9.93 -2.14
CA SER A 106 -24.96 -8.75 -2.18
C SER A 106 -25.09 -8.20 -0.76
N MET A 107 -24.85 -6.90 -0.59
CA MET A 107 -24.63 -6.24 0.72
C MET A 107 -25.32 -4.87 0.74
N ARG A 108 -25.43 -4.24 1.91
CA ARG A 108 -25.88 -2.83 2.06
C ARG A 108 -24.72 -2.02 2.69
N ILE A 109 -24.03 -1.17 1.91
CA ILE A 109 -22.95 -0.28 2.44
C ILE A 109 -23.43 1.19 2.55
N GLN A 110 -23.60 1.66 3.79
CA GLN A 110 -24.05 3.04 4.12
C GLN A 110 -25.31 3.38 3.31
N GLY A 111 -26.33 2.49 3.31
CA GLY A 111 -27.64 2.77 2.71
C GLY A 111 -27.79 2.22 1.30
N ARG A 112 -26.70 2.14 0.51
CA ARG A 112 -26.72 1.71 -0.91
C ARG A 112 -26.60 0.18 -1.02
N LEU A 113 -27.27 -0.43 -1.99
CA LEU A 113 -27.16 -1.89 -2.26
C LEU A 113 -26.06 -2.06 -3.29
N VAL A 114 -25.06 -2.90 -2.98
CA VAL A 114 -23.86 -3.19 -3.81
C VAL A 114 -23.83 -4.69 -4.11
N HIS A 115 -23.33 -5.08 -5.29
CA HIS A 115 -23.19 -6.51 -5.68
C HIS A 115 -21.85 -6.66 -6.41
N GLY A 116 -21.07 -7.68 -6.06
CA GLY A 116 -19.73 -7.92 -6.63
C GLY A 116 -18.95 -8.97 -5.87
N GLN A 117 -17.64 -9.05 -6.11
CA GLN A 117 -16.72 -9.99 -5.43
C GLN A 117 -16.12 -9.30 -4.20
N SER A 118 -16.43 -9.84 -3.02
CA SER A 118 -15.96 -9.35 -1.72
C SER A 118 -14.49 -9.75 -1.52
N GLY A 119 -13.76 -8.95 -0.76
CA GLY A 119 -12.35 -9.22 -0.46
C GLY A 119 -12.05 -8.59 0.87
N MET A 120 -10.94 -8.99 1.50
CA MET A 120 -10.47 -8.38 2.76
C MET A 120 -9.03 -7.87 2.60
N LEU A 121 -8.84 -6.63 3.04
CA LEU A 121 -7.54 -5.92 2.94
C LEU A 121 -6.51 -6.66 3.77
N LEU A 122 -5.28 -6.75 3.27
CA LEU A 122 -4.10 -7.36 3.95
C LEU A 122 -3.08 -6.29 4.35
N THR A 123 -3.57 -5.08 4.64
CA THR A 123 -2.74 -3.87 4.95
C THR A 123 -2.59 -3.64 6.47
N GLY A 124 -3.46 -4.22 7.30
CA GLY A 124 -3.49 -3.95 8.76
C GLY A 124 -4.75 -4.47 9.41
N ALA A 125 -4.88 -4.36 10.74
CA ALA A 125 -6.02 -4.87 11.53
C ALA A 125 -7.25 -3.96 11.36
N ASN A 126 -7.05 -2.64 11.31
CA ASN A 126 -8.12 -1.63 11.11
C ASN A 126 -7.79 -0.78 9.88
N ALA A 127 -8.44 -1.06 8.75
CA ALA A 127 -8.12 -0.45 7.43
C ALA A 127 -8.77 0.95 7.34
N LYS A 128 -9.72 1.25 8.23
CA LYS A 128 -10.48 2.54 8.24
C LYS A 128 -9.49 3.71 8.15
N GLY A 129 -9.75 4.67 7.27
CA GLY A 129 -8.81 5.77 6.96
C GLY A 129 -8.07 5.54 5.66
N MET A 130 -7.36 6.57 5.21
CA MET A 130 -6.66 6.67 3.89
C MET A 130 -5.22 6.13 3.97
N ASP A 131 -4.63 5.94 5.15
CA ASP A 131 -3.23 5.41 5.22
C ASP A 131 -3.23 3.91 4.88
N LEU A 132 -4.21 3.13 5.38
CA LEU A 132 -4.19 1.65 5.25
C LEU A 132 -5.34 1.15 4.39
N GLY A 133 -6.33 2.01 4.08
CA GLY A 133 -7.57 1.56 3.39
C GLY A 133 -7.98 2.47 2.27
N THR A 134 -9.22 2.31 1.80
CA THR A 134 -9.77 3.03 0.64
C THR A 134 -10.58 4.24 1.08
N ILE A 135 -10.80 5.14 0.11
CA ILE A 135 -11.63 6.38 0.22
C ILE A 135 -12.63 6.38 -0.95
N PRO A 136 -13.76 7.12 -0.88
CA PRO A 136 -14.76 7.10 -1.95
C PRO A 136 -14.13 7.48 -3.31
N GLY A 137 -13.05 8.26 -3.25
CA GLY A 137 -12.29 8.75 -4.42
C GLY A 137 -11.56 7.65 -5.16
N ASP A 138 -11.48 6.43 -4.59
CA ASP A 138 -10.68 5.34 -5.19
C ASP A 138 -11.57 4.52 -6.12
N CYS A 139 -12.86 4.83 -6.21
CA CYS A 139 -13.80 4.00 -7.00
C CYS A 139 -13.36 4.02 -8.48
N GLY A 140 -13.36 2.84 -9.10
CA GLY A 140 -12.97 2.63 -10.51
C GLY A 140 -11.55 2.09 -10.62
N ALA A 141 -10.75 2.14 -9.54
CA ALA A 141 -9.38 1.57 -9.51
C ALA A 141 -9.43 0.07 -9.79
N PRO A 142 -8.54 -0.50 -10.65
CA PRO A 142 -8.62 -1.91 -11.02
C PRO A 142 -8.04 -2.90 -10.01
N TYR A 143 -8.63 -4.10 -9.99
CA TYR A 143 -8.13 -5.29 -9.23
C TYR A 143 -7.32 -6.16 -10.19
N VAL A 144 -6.05 -6.37 -9.88
CA VAL A 144 -5.10 -7.13 -10.76
C VAL A 144 -4.34 -8.18 -9.94
N TYR A 145 -3.94 -9.25 -10.63
CA TYR A 145 -3.06 -10.30 -10.05
C TYR A 145 -2.22 -10.90 -11.16
N LYS A 146 -1.00 -11.31 -10.79
CA LYS A 146 -0.04 -12.06 -11.63
C LYS A 146 -0.35 -13.56 -11.53
N ARG A 147 -0.31 -14.29 -12.64
CA ARG A 147 -0.34 -15.77 -12.60
C ARG A 147 0.91 -16.27 -13.34
N ALA A 148 0.73 -17.13 -14.36
CA ALA A 148 1.82 -17.76 -15.12
C ALA A 148 2.43 -16.72 -16.07
N ASN A 149 3.36 -15.90 -15.56
CA ASN A 149 4.17 -14.90 -16.33
C ASN A 149 3.39 -13.60 -16.56
N ASP A 150 2.10 -13.69 -16.93
CA ASP A 150 1.27 -12.52 -17.33
C ASP A 150 0.46 -11.96 -16.16
N TRP A 151 -0.12 -10.78 -16.35
CA TRP A 151 -1.00 -10.09 -15.38
C TRP A 151 -2.45 -10.10 -15.89
N VAL A 152 -3.41 -10.28 -14.97
CA VAL A 152 -4.87 -10.32 -15.28
C VAL A 152 -5.51 -9.17 -14.52
N VAL A 153 -6.60 -8.62 -15.08
CA VAL A 153 -7.48 -7.64 -14.40
C VAL A 153 -8.87 -8.29 -14.32
N CYS A 154 -9.52 -8.17 -13.17
CA CYS A 154 -10.71 -9.02 -12.86
C CYS A 154 -11.86 -8.21 -12.24
N GLY A 155 -11.72 -6.88 -12.09
CA GLY A 155 -12.82 -5.98 -11.69
C GLY A 155 -12.37 -4.55 -11.38
N VAL A 156 -13.28 -3.74 -10.85
CA VAL A 156 -13.03 -2.31 -10.50
C VAL A 156 -13.65 -2.02 -9.13
N HIS A 157 -13.02 -1.15 -8.36
CA HIS A 157 -13.39 -0.84 -6.94
C HIS A 157 -14.76 -0.17 -6.90
N ALA A 158 -15.76 -0.83 -6.31
CA ALA A 158 -17.16 -0.32 -6.21
C ALA A 158 -17.43 0.26 -4.83
N ALA A 159 -16.90 -0.30 -3.75
CA ALA A 159 -17.36 0.07 -2.39
C ALA A 159 -16.43 -0.45 -1.31
N ALA A 160 -16.53 0.11 -0.10
CA ALA A 160 -15.85 -0.41 1.09
C ALA A 160 -16.71 -0.19 2.32
N THR A 161 -16.56 -1.05 3.34
CA THR A 161 -17.45 -1.05 4.52
C THR A 161 -17.11 0.11 5.43
N LYS A 162 -18.04 0.46 6.32
CA LYS A 162 -17.80 1.42 7.42
C LYS A 162 -16.39 1.20 8.00
N SER A 163 -16.05 -0.03 8.36
CA SER A 163 -14.77 -0.41 9.05
C SER A 163 -13.60 -0.33 8.07
N GLY A 164 -13.87 -0.37 6.77
CA GLY A 164 -12.83 -0.37 5.73
C GLY A 164 -12.17 -1.72 5.50
N ASN A 165 -12.42 -2.72 6.36
CA ASN A 165 -11.75 -4.03 6.30
C ASN A 165 -12.25 -4.84 5.07
N THR A 166 -13.52 -4.70 4.68
CA THR A 166 -14.13 -5.36 3.49
C THR A 166 -14.23 -4.40 2.29
N VAL A 167 -13.85 -4.87 1.09
CA VAL A 167 -14.09 -4.14 -0.18
C VAL A 167 -14.90 -5.01 -1.14
N VAL A 168 -15.52 -4.37 -2.15
CA VAL A 168 -16.37 -5.05 -3.17
C VAL A 168 -15.85 -4.63 -4.54
N CYS A 169 -15.49 -5.62 -5.33
CA CYS A 169 -14.94 -5.52 -6.70
C CYS A 169 -16.13 -5.70 -7.67
N ALA A 170 -16.57 -4.69 -8.44
CA ALA A 170 -17.62 -4.91 -9.45
C ALA A 170 -16.98 -5.76 -10.57
N VAL A 171 -17.67 -6.79 -11.06
CA VAL A 171 -17.11 -7.73 -12.10
C VAL A 171 -18.02 -7.70 -13.32
N GLN A 172 -17.47 -8.12 -14.45
CA GLN A 172 -18.11 -8.32 -15.78
C GLN A 172 -19.25 -9.32 -15.65
N PRO B 1 -3.30 18.36 4.82
CA PRO B 1 -3.91 17.09 5.27
C PRO B 1 -2.90 16.11 5.87
N PRO B 2 -2.79 16.01 7.21
CA PRO B 2 -1.78 15.16 7.85
C PRO B 2 -1.66 13.73 7.26
N THR B 3 -0.50 13.08 7.39
CA THR B 3 -0.28 11.67 6.94
C THR B 3 0.94 11.03 7.65
N LEU B 4 0.79 9.80 8.12
CA LEU B 4 1.90 8.92 8.58
C LEU B 4 2.94 8.79 7.48
N TRP B 5 2.48 8.57 6.25
CA TRP B 5 3.40 8.31 5.12
C TRP B 5 4.44 9.44 4.98
N SER B 6 4.05 10.69 5.27
CA SER B 6 4.96 11.86 5.21
C SER B 6 6.13 11.68 6.20
N ARG B 7 6.01 10.83 7.22
CA ARG B 7 7.08 10.68 8.25
C ARG B 7 8.14 9.67 7.78
N VAL B 8 7.86 8.85 6.75
CA VAL B 8 8.80 7.83 6.22
C VAL B 8 9.76 8.52 5.25
N THR B 9 11.08 8.48 5.49
CA THR B 9 12.10 9.31 4.80
C THR B 9 13.24 8.43 4.33
N LYS B 10 13.76 8.67 3.12
CA LYS B 10 14.90 7.88 2.60
C LYS B 10 16.15 8.22 3.44
N PHE B 11 16.92 7.22 3.88
CA PHE B 11 18.08 7.45 4.79
C PHE B 11 19.12 6.33 4.67
N GLY B 12 20.36 6.70 4.35
CA GLY B 12 21.46 5.77 4.06
C GLY B 12 21.05 4.72 3.05
N SER B 13 21.29 3.45 3.38
CA SER B 13 20.97 2.27 2.54
C SER B 13 19.51 1.84 2.70
N GLY B 14 18.70 2.62 3.42
CA GLY B 14 17.26 2.32 3.59
C GLY B 14 16.46 3.55 3.95
N TRP B 15 15.69 3.47 5.04
CA TRP B 15 14.65 4.45 5.44
C TRP B 15 14.69 4.75 6.96
N GLY B 16 13.92 5.76 7.34
CA GLY B 16 13.65 6.10 8.75
C GLY B 16 12.30 6.75 8.91
N PHE B 17 11.95 7.11 10.14
CA PHE B 17 10.60 7.56 10.54
C PHE B 17 10.75 8.71 11.54
N TRP B 18 10.05 9.82 11.26
CA TRP B 18 9.94 10.98 12.16
C TRP B 18 8.84 10.70 13.20
N VAL B 19 9.25 10.53 14.45
CA VAL B 19 8.32 10.36 15.61
C VAL B 19 7.74 11.73 16.00
N SER B 20 8.55 12.78 15.97
CA SER B 20 8.18 14.17 16.34
C SER B 20 9.05 15.13 15.53
N PRO B 21 8.98 16.47 15.74
CA PRO B 21 9.83 17.41 15.00
C PRO B 21 11.33 17.18 15.23
N THR B 22 11.73 16.64 16.37
CA THR B 22 13.16 16.53 16.78
C THR B 22 13.62 15.06 16.85
N VAL B 23 12.71 14.10 16.67
CA VAL B 23 13.04 12.66 16.94
C VAL B 23 12.86 11.84 15.66
N PHE B 24 13.95 11.23 15.21
CA PHE B 24 14.03 10.32 14.03
C PHE B 24 14.54 8.95 14.47
N ILE B 25 13.90 7.87 14.03
CA ILE B 25 14.34 6.49 14.40
C ILE B 25 14.67 5.75 13.10
N THR B 26 15.66 4.85 13.11
CA THR B 26 16.00 4.00 11.94
C THR B 26 16.66 2.68 12.37
N THR B 27 17.05 1.84 11.39
CA THR B 27 17.69 0.53 11.60
C THR B 27 19.20 0.82 11.64
N THR B 28 19.95 0.25 12.58
CA THR B 28 21.34 0.73 12.87
C THR B 28 22.21 0.51 11.62
N HIS B 29 22.11 -0.64 10.98
CA HIS B 29 22.95 -1.06 9.81
C HIS B 29 22.66 -0.23 8.53
N VAL B 30 21.62 0.59 8.44
CA VAL B 30 21.41 1.42 7.21
C VAL B 30 22.16 2.76 7.35
N ILE B 31 22.48 3.19 8.57
CA ILE B 31 23.12 4.51 8.84
C ILE B 31 24.48 4.58 8.13
N PRO B 32 24.78 5.71 7.44
CA PRO B 32 26.11 5.95 6.90
C PRO B 32 27.19 5.91 8.00
N THR B 33 28.36 5.34 7.72
CA THR B 33 29.52 5.15 8.64
C THR B 33 30.53 6.29 8.47
N SER B 34 30.39 7.13 7.44
CA SER B 34 31.22 8.34 7.23
CA SER B 34 31.22 8.34 7.27
C SER B 34 30.29 9.55 7.05
N ALA B 35 30.28 10.51 7.99
CA ALA B 35 29.31 11.63 7.97
C ALA B 35 29.67 12.77 8.93
N LYS B 36 29.31 14.02 8.59
CA LYS B 36 29.53 15.23 9.43
C LYS B 36 28.19 15.86 9.83
N GLU B 37 27.15 15.68 9.01
CA GLU B 37 25.79 16.26 9.23
C GLU B 37 24.76 15.29 8.69
N PHE B 38 23.48 15.39 9.08
CA PHE B 38 22.46 14.45 8.55
C PHE B 38 21.33 15.18 7.80
N PHE B 39 20.51 15.97 8.48
CA PHE B 39 19.38 16.66 7.79
C PHE B 39 19.71 18.15 7.72
N GLY B 40 20.98 18.46 7.41
CA GLY B 40 21.54 19.82 7.49
C GLY B 40 22.12 20.13 8.87
N GLU B 41 21.94 19.27 9.88
CA GLU B 41 22.46 19.55 11.25
C GLU B 41 23.77 18.81 11.46
N PRO B 42 24.82 19.49 11.99
CA PRO B 42 26.13 18.85 12.20
C PRO B 42 26.04 17.85 13.35
N LEU B 43 26.62 16.68 13.14
CA LEU B 43 26.55 15.55 14.10
C LEU B 43 26.85 16.07 15.50
N THR B 44 27.78 17.03 15.58
CA THR B 44 28.07 17.90 16.75
C THR B 44 26.83 18.05 17.65
N SER B 45 25.68 18.42 17.08
CA SER B 45 24.45 18.79 17.84
C SER B 45 23.40 17.67 17.82
N ILE B 46 23.80 16.42 17.57
CA ILE B 46 22.84 15.29 17.48
C ILE B 46 23.14 14.25 18.58
N ALA B 47 22.20 14.03 19.50
CA ALA B 47 22.24 12.87 20.43
C ALA B 47 21.96 11.58 19.63
N ILE B 48 22.82 10.56 19.73
CA ILE B 48 22.58 9.22 19.12
C ILE B 48 22.42 8.20 20.26
N HIS B 49 21.26 7.52 20.32
CA HIS B 49 20.95 6.42 21.27
C HIS B 49 20.77 5.12 20.47
N ARG B 50 21.76 4.23 20.56
CA ARG B 50 21.76 2.92 19.85
C ARG B 50 21.39 1.80 20.82
N ALA B 51 20.50 0.90 20.41
CA ALA B 51 20.18 -0.37 21.09
C ALA B 51 20.17 -1.50 20.05
N GLY B 52 21.33 -2.11 19.79
CA GLY B 52 21.45 -3.16 18.77
C GLY B 52 21.10 -2.63 17.37
N GLU B 53 20.02 -3.13 16.77
CA GLU B 53 19.58 -2.70 15.42
C GLU B 53 18.55 -1.55 15.50
N PHE B 54 18.28 -0.99 16.69
CA PHE B 54 17.39 0.19 16.85
C PHE B 54 18.25 1.41 17.20
N THR B 55 18.22 2.47 16.37
CA THR B 55 18.90 3.75 16.68
C THR B 55 17.86 4.88 16.69
N LEU B 56 17.95 5.74 17.71
CA LEU B 56 17.14 6.98 17.83
C LEU B 56 18.09 8.17 17.75
N PHE B 57 17.76 9.13 16.88
CA PHE B 57 18.37 10.47 16.76
C PHE B 57 17.43 11.53 17.37
N ARG B 58 17.93 12.33 18.30
CA ARG B 58 17.23 13.53 18.84
C ARG B 58 17.99 14.77 18.35
N PHE B 59 17.34 15.63 17.54
CA PHE B 59 17.90 16.88 16.97
C PHE B 59 17.70 18.07 17.95
N SER B 60 18.60 19.06 17.92
CA SER B 60 18.60 20.22 18.85
C SER B 60 17.85 21.43 18.24
N LYS B 61 17.27 21.28 17.04
CA LYS B 61 16.20 22.18 16.53
C LYS B 61 15.13 21.37 15.79
N LYS B 62 13.99 22.01 15.50
CA LYS B 62 12.83 21.36 14.86
C LYS B 62 13.11 21.16 13.37
N ILE B 63 13.40 19.93 12.93
CA ILE B 63 13.64 19.58 11.50
C ILE B 63 12.30 19.45 10.79
N ARG B 64 11.26 18.99 11.46
CA ARG B 64 9.92 18.76 10.87
C ARG B 64 8.90 19.43 11.79
N PRO B 65 8.82 20.79 11.81
CA PRO B 65 7.83 21.50 12.64
C PRO B 65 6.38 21.28 12.17
N ASP B 66 6.20 20.78 10.95
CA ASP B 66 4.89 20.42 10.38
C ASP B 66 4.27 19.24 11.17
N LEU B 67 5.08 18.44 11.91
CA LEU B 67 4.60 17.20 12.59
C LEU B 67 4.24 17.45 14.07
N THR B 68 3.27 16.70 14.59
CA THR B 68 3.06 16.47 16.05
C THR B 68 3.86 15.25 16.52
N GLY B 69 4.14 15.21 17.82
CA GLY B 69 4.67 14.04 18.56
C GLY B 69 3.71 12.87 18.51
N MET B 70 4.26 11.67 18.34
CA MET B 70 3.54 10.37 18.27
C MET B 70 3.95 9.49 19.46
N ILE B 71 3.13 8.49 19.81
CA ILE B 71 3.49 7.47 20.83
C ILE B 71 4.48 6.45 20.24
N LEU B 72 5.69 6.39 20.82
CA LEU B 72 6.69 5.30 20.64
C LEU B 72 6.73 4.39 21.88
N GLU B 73 6.54 3.09 21.67
CA GLU B 73 6.65 2.04 22.72
C GLU B 73 7.67 0.98 22.32
N GLU B 74 8.14 0.22 23.29
CA GLU B 74 9.19 -0.82 23.12
C GLU B 74 8.53 -2.11 22.62
N GLY B 75 8.23 -2.24 21.33
CA GLY B 75 7.38 -3.35 20.83
C GLY B 75 5.88 -3.20 21.13
N CYS B 76 5.11 -4.26 20.89
CA CYS B 76 3.63 -4.32 21.11
C CYS B 76 3.26 -5.65 21.76
N PRO B 77 2.03 -5.81 22.29
CA PRO B 77 1.61 -7.09 22.86
C PRO B 77 1.60 -8.16 21.77
N GLU B 78 1.86 -9.39 22.19
CA GLU B 78 1.84 -10.62 21.35
C GLU B 78 0.46 -10.78 20.68
N GLY B 79 0.49 -11.06 19.38
CA GLY B 79 -0.72 -11.22 18.56
C GLY B 79 -1.29 -9.92 18.05
N THR B 80 -0.73 -8.76 18.42
CA THR B 80 -1.09 -7.47 17.79
C THR B 80 -0.79 -7.57 16.29
N VAL B 81 -1.77 -7.27 15.43
CA VAL B 81 -1.52 -7.09 13.96
C VAL B 81 -1.06 -5.64 13.71
N CYS B 82 0.23 -5.47 13.42
CA CYS B 82 0.84 -4.20 13.00
C CYS B 82 0.79 -4.04 11.47
N SER B 83 1.23 -2.87 10.99
CA SER B 83 1.49 -2.57 9.57
C SER B 83 2.94 -2.10 9.42
N VAL B 84 3.69 -2.69 8.49
CA VAL B 84 5.03 -2.15 8.10
C VAL B 84 4.85 -1.21 6.90
N LEU B 85 5.25 0.06 7.08
CA LEU B 85 5.02 1.17 6.12
C LEU B 85 6.23 1.26 5.17
N ILE B 86 6.25 0.44 4.14
CA ILE B 86 7.35 0.32 3.14
C ILE B 86 7.13 1.35 2.04
N LYS B 87 8.15 2.19 1.81
CA LYS B 87 8.27 3.10 0.64
C LYS B 87 9.29 2.46 -0.31
N ARG B 88 8.99 2.43 -1.61
CA ARG B 88 9.94 1.98 -2.67
C ARG B 88 10.43 3.20 -3.49
N ASP B 89 11.59 3.07 -4.10
CA ASP B 89 12.18 4.07 -5.03
C ASP B 89 11.30 4.19 -6.29
N SER B 90 10.47 3.19 -6.60
CA SER B 90 9.44 3.23 -7.68
C SER B 90 8.38 4.32 -7.44
N GLY B 91 8.19 4.78 -6.22
CA GLY B 91 7.09 5.70 -5.86
C GLY B 91 5.93 4.94 -5.22
N GLU B 92 6.10 3.64 -5.00
CA GLU B 92 5.05 2.78 -4.41
C GLU B 92 5.08 2.90 -2.89
N LEU B 93 3.89 2.89 -2.28
CA LEU B 93 3.62 2.75 -0.83
C LEU B 93 3.04 1.35 -0.56
N LEU B 94 3.67 0.56 0.29
CA LEU B 94 3.27 -0.87 0.48
C LEU B 94 3.06 -1.17 1.97
N PRO B 95 1.86 -0.88 2.53
CA PRO B 95 1.58 -1.24 3.91
C PRO B 95 1.25 -2.73 4.01
N LEU B 96 2.06 -3.55 4.67
CA LEU B 96 1.76 -5.01 4.83
C LEU B 96 1.40 -5.34 6.29
N ALA B 97 0.28 -6.05 6.48
CA ALA B 97 -0.15 -6.61 7.78
C ALA B 97 0.87 -7.66 8.24
N VAL B 98 1.31 -7.53 9.49
CA VAL B 98 2.22 -8.51 10.17
C VAL B 98 1.69 -8.83 11.58
N ARG B 99 1.65 -10.13 11.90
CA ARG B 99 1.29 -10.64 13.26
C ARG B 99 2.56 -10.73 14.12
N MET B 100 2.62 -9.92 15.16
CA MET B 100 3.83 -9.82 16.00
C MET B 100 3.74 -10.96 17.01
N GLY B 101 4.89 -11.58 17.33
CA GLY B 101 5.03 -12.65 18.35
C GLY B 101 5.92 -12.18 19.49
N ALA B 102 6.82 -13.07 19.93
CA ALA B 102 7.70 -12.92 21.13
C ALA B 102 8.97 -12.18 20.73
N ILE B 103 9.58 -11.52 21.71
CA ILE B 103 10.99 -11.05 21.61
C ILE B 103 11.86 -12.30 21.40
N ALA B 104 12.85 -12.26 20.50
CA ALA B 104 13.63 -13.45 20.12
C ALA B 104 14.96 -13.05 19.48
N SER B 105 15.95 -13.91 19.63
N SER B 105 15.94 -13.94 19.61
CA SER B 105 17.21 -13.91 18.83
CA SER B 105 17.19 -13.95 18.84
C SER B 105 17.02 -14.95 17.72
C SER B 105 17.02 -14.96 17.71
N MET B 106 17.08 -14.51 16.46
CA MET B 106 16.71 -15.35 15.29
C MET B 106 17.89 -15.51 14.34
N ARG B 107 18.08 -16.74 13.90
CA ARG B 107 18.89 -17.03 12.69
C ARG B 107 18.04 -16.59 11.50
N ILE B 108 18.48 -15.52 10.82
CA ILE B 108 17.88 -14.97 9.57
C ILE B 108 19.01 -14.94 8.54
N GLN B 109 18.91 -15.74 7.48
CA GLN B 109 19.93 -15.85 6.40
C GLN B 109 21.35 -15.71 6.98
N GLY B 110 21.80 -16.66 7.80
CA GLY B 110 23.17 -16.70 8.35
C GLY B 110 23.30 -15.97 9.67
N ARG B 111 22.89 -14.71 9.72
CA ARG B 111 23.20 -13.73 10.81
C ARG B 111 22.23 -13.92 11.99
N LEU B 112 22.62 -13.46 13.19
CA LEU B 112 21.73 -13.44 14.38
C LEU B 112 21.22 -12.02 14.57
N VAL B 113 19.92 -11.89 14.78
CA VAL B 113 19.22 -10.58 14.94
C VAL B 113 18.29 -10.70 16.14
N HIS B 114 18.37 -9.72 17.05
CA HIS B 114 17.48 -9.65 18.24
C HIS B 114 16.46 -8.53 18.04
N GLY B 115 15.17 -8.84 18.24
CA GLY B 115 14.05 -7.90 18.13
C GLY B 115 12.75 -8.61 18.36
N GLN B 116 11.62 -7.99 17.99
CA GLN B 116 10.28 -8.63 18.09
C GLN B 116 9.98 -9.36 16.78
N SER B 117 9.58 -10.64 16.86
CA SER B 117 9.33 -11.52 15.71
C SER B 117 7.95 -11.18 15.18
N GLY B 118 7.74 -11.34 13.88
CA GLY B 118 6.44 -11.19 13.24
C GLY B 118 6.37 -12.09 12.02
N MET B 119 5.14 -12.34 11.56
CA MET B 119 4.83 -13.15 10.36
C MET B 119 3.99 -12.31 9.42
N LEU B 120 4.41 -12.21 8.14
CA LEU B 120 3.63 -11.50 7.10
C LEU B 120 2.31 -12.24 6.89
N LEU B 121 1.24 -11.52 6.61
CA LEU B 121 -0.10 -12.11 6.45
C LEU B 121 -0.52 -12.10 4.98
N THR B 122 0.40 -11.81 4.06
CA THR B 122 0.13 -11.71 2.61
C THR B 122 0.14 -13.11 1.99
N GLY B 123 0.92 -14.05 2.53
CA GLY B 123 1.00 -15.43 1.99
C GLY B 123 2.43 -15.85 1.65
N ALA B 124 2.74 -17.13 1.94
CA ALA B 124 4.08 -17.76 2.04
C ALA B 124 5.06 -17.26 0.97
N ASN B 125 4.59 -16.84 -0.22
CA ASN B 125 5.46 -16.22 -1.27
C ASN B 125 4.71 -15.11 -2.00
N ALA B 126 5.43 -14.03 -2.33
CA ALA B 126 4.96 -12.82 -3.07
C ALA B 126 5.15 -12.96 -4.58
N LYS B 127 5.74 -14.07 -5.06
CA LYS B 127 6.05 -14.40 -6.48
C LYS B 127 5.78 -13.23 -7.44
N GLY B 128 6.58 -12.16 -7.37
CA GLY B 128 6.55 -11.05 -8.33
C GLY B 128 5.57 -9.92 -7.97
N MET B 129 4.67 -10.16 -7.02
CA MET B 129 3.69 -9.12 -6.60
C MET B 129 4.27 -8.37 -5.40
N ASP B 130 3.72 -7.19 -5.12
CA ASP B 130 4.10 -6.32 -3.97
C ASP B 130 3.49 -6.91 -2.69
N LEU B 131 4.00 -8.05 -2.22
CA LEU B 131 3.42 -8.79 -1.06
C LEU B 131 4.49 -9.08 0.00
N GLY B 132 5.75 -8.71 -0.24
CA GLY B 132 6.85 -8.99 0.70
C GLY B 132 7.91 -7.90 0.74
N THR B 133 8.91 -8.06 1.58
CA THR B 133 9.97 -7.06 1.78
C THR B 133 11.23 -7.41 0.98
N ILE B 134 12.06 -6.40 0.75
CA ILE B 134 13.37 -6.50 0.04
C ILE B 134 14.41 -5.82 0.93
N PRO B 135 15.71 -6.16 0.82
CA PRO B 135 16.74 -5.60 1.70
C PRO B 135 16.65 -4.07 1.88
N GLY B 136 16.38 -3.39 0.77
CA GLY B 136 16.27 -1.94 0.64
C GLY B 136 15.20 -1.38 1.54
N ASP B 137 14.30 -2.21 2.08
CA ASP B 137 13.16 -1.72 2.91
C ASP B 137 13.59 -1.46 4.36
N CYS B 138 14.85 -1.70 4.75
CA CYS B 138 15.20 -1.73 6.20
C CYS B 138 15.11 -0.30 6.79
N GLY B 139 14.57 -0.18 7.99
CA GLY B 139 14.33 1.10 8.67
C GLY B 139 12.88 1.50 8.62
N ALA B 140 12.08 0.88 7.73
CA ALA B 140 10.60 1.12 7.66
C ALA B 140 9.96 0.83 9.02
N PRO B 141 8.95 1.61 9.44
CA PRO B 141 8.34 1.49 10.77
C PRO B 141 7.18 0.49 10.94
N TYR B 142 7.04 -0.06 12.15
CA TYR B 142 5.91 -0.92 12.58
C TYR B 142 4.97 -0.03 13.38
N VAL B 143 3.72 0.08 12.91
CA VAL B 143 2.63 0.90 13.52
C VAL B 143 1.35 0.05 13.62
N TYR B 144 0.44 0.48 14.50
CA TYR B 144 -0.93 -0.06 14.67
C TYR B 144 -1.79 1.02 15.36
N LYS B 145 -3.09 0.99 15.14
CA LYS B 145 -4.05 1.94 15.74
C LYS B 145 -4.55 1.29 17.04
N ARG B 146 -4.64 2.09 18.10
CA ARG B 146 -5.06 1.68 19.46
C ARG B 146 -5.90 2.85 19.98
N ALA B 147 -7.22 2.70 19.99
CA ALA B 147 -8.16 3.80 20.32
C ALA B 147 -8.04 4.86 19.22
N ASN B 148 -7.72 6.11 19.58
CA ASN B 148 -7.76 7.28 18.66
C ASN B 148 -6.34 7.62 18.19
N ASP B 149 -5.39 6.73 18.46
CA ASP B 149 -3.93 6.99 18.46
C ASP B 149 -3.25 5.97 17.55
N TRP B 150 -2.31 6.44 16.73
CA TRP B 150 -1.27 5.58 16.12
C TRP B 150 -0.11 5.41 17.11
N VAL B 151 0.30 4.17 17.28
CA VAL B 151 1.53 3.76 18.04
C VAL B 151 2.54 3.25 17.01
N VAL B 152 3.79 3.70 17.13
CA VAL B 152 4.94 3.10 16.42
C VAL B 152 5.70 2.31 17.45
N CYS B 153 6.19 1.13 17.08
CA CYS B 153 6.77 0.19 18.08
C CYS B 153 8.10 -0.40 17.60
N GLY B 154 8.51 -0.17 16.34
CA GLY B 154 9.95 -0.24 15.97
C GLY B 154 10.22 -0.20 14.47
N VAL B 155 11.39 -0.71 14.05
CA VAL B 155 11.91 -0.50 12.66
C VAL B 155 12.20 -1.86 12.01
N HIS B 156 12.00 -1.97 10.69
CA HIS B 156 12.24 -3.22 9.93
C HIS B 156 13.73 -3.52 9.88
N ALA B 157 14.18 -4.60 10.53
CA ALA B 157 15.61 -4.95 10.72
C ALA B 157 16.05 -6.12 9.80
N ALA B 158 15.17 -7.06 9.47
CA ALA B 158 15.56 -8.22 8.64
C ALA B 158 14.35 -9.07 8.28
N ALA B 159 14.52 -9.93 7.26
CA ALA B 159 13.50 -10.91 6.84
C ALA B 159 14.19 -12.12 6.22
N THR B 160 13.57 -13.28 6.32
CA THR B 160 14.11 -14.57 5.82
C THR B 160 13.93 -14.63 4.30
N LYS B 161 14.78 -15.42 3.63
CA LYS B 161 14.73 -15.70 2.17
C LYS B 161 13.28 -15.91 1.72
N SER B 162 12.55 -16.87 2.32
CA SER B 162 11.13 -17.17 2.01
C SER B 162 10.26 -15.93 2.24
N GLY B 163 10.71 -15.04 3.14
CA GLY B 163 10.05 -13.75 3.44
C GLY B 163 8.94 -13.91 4.46
N ASN B 164 8.70 -15.13 4.97
CA ASN B 164 7.61 -15.41 5.94
C ASN B 164 7.91 -14.67 7.25
N THR B 165 9.12 -14.83 7.79
CA THR B 165 9.53 -14.29 9.11
C THR B 165 10.24 -12.94 8.96
N VAL B 166 9.89 -12.00 9.83
CA VAL B 166 10.47 -10.64 9.89
C VAL B 166 10.87 -10.37 11.34
N VAL B 167 11.86 -9.48 11.52
CA VAL B 167 12.28 -8.94 12.84
C VAL B 167 12.09 -7.42 12.87
N CYS B 168 11.27 -6.94 13.81
CA CYS B 168 11.10 -5.51 14.18
C CYS B 168 12.06 -5.18 15.33
N ALA B 169 13.08 -4.35 15.08
CA ALA B 169 14.02 -3.89 16.12
C ALA B 169 13.29 -2.89 17.03
N VAL B 170 13.44 -2.97 18.36
CA VAL B 170 12.63 -2.18 19.34
C VAL B 170 13.55 -1.35 20.24
N GLN B 171 13.00 -0.27 20.81
CA GLN B 171 13.69 0.57 21.81
C GLN B 171 14.06 -0.31 23.03
N ALA B 172 15.20 -0.05 23.66
CA ALA B 172 15.60 -0.62 24.97
C ALA B 172 17.03 -0.18 25.32
#